data_9RI2
#
_entry.id   9RI2
#
_cell.length_a   53.751
_cell.length_b   55.517
_cell.length_c   186.017
_cell.angle_alpha   90.000
_cell.angle_beta   90.000
_cell.angle_gamma   90.000
#
_symmetry.space_group_name_H-M   'P 21 21 21'
#
loop_
_entity.id
_entity.type
_entity.pdbx_description
1 polymer 'Methyltransferase, putative'
2 non-polymer 2-[3-(2-HYDROXY-1,1-DIHYDROXYMETHYL-ETHYLAMINO)-PROPYLAMINO]-2-HYDROXYMETHYL-PROPANE-1,3-DIOL
3 non-polymer 'CITRATE ANION'
4 water water
#
_entity_poly.entity_id   1
_entity_poly.type   'polypeptide(L)'
_entity_poly.pdbx_seq_one_letter_code
;MSDHQSHSRGKNAREWFEEWFDHPLYLKVYHHRDAEEAERCVRTILDLTGIDPAWQPPHSVLDIACGAGRHALSFARTGL
RVTANDLSPYLLDQARKQAKAEGINMEFSRQDMRTIRFERRFDLIAQLFSSFGYFETDQEDRDVIANIASLLNPGGWYVL
DLINPVQLKSQFTPRTERNSESLSIIEERTLSERHVTKKITLHEANGRKHSFTESVRIYSPAEAFSLLESGGFAVERVVG
DYEGSPFDEATSPRMMLLARLLVSRS
;
_entity_poly.pdbx_strand_id   A,B
#
loop_
_chem_comp.id
_chem_comp.type
_chem_comp.name
_chem_comp.formula
B3P non-polymer 2-[3-(2-HYDROXY-1,1-DIHYDROXYMETHYL-ETHYLAMINO)-PROPYLAMINO]-2-HYDROXYMETHYL-PROPANE-1,3-DIOL 'C11 H26 N2 O6'
FLC non-polymer 'CITRATE ANION' 'C6 H5 O7 -3'
#
# COMPACT_ATOMS: atom_id res chain seq x y z
N ALA A 13 3.83 -10.21 23.68
CA ALA A 13 3.90 -8.80 23.32
C ALA A 13 2.54 -8.13 23.52
N ARG A 14 2.44 -7.34 24.58
CA ARG A 14 1.21 -6.61 24.90
C ARG A 14 1.18 -5.22 24.28
N GLU A 15 2.34 -4.61 24.08
CA GLU A 15 2.47 -3.24 23.61
C GLU A 15 2.70 -3.19 22.10
N TRP A 16 1.95 -2.32 21.42
CA TRP A 16 2.27 -1.96 20.04
C TRP A 16 2.20 -0.45 19.92
N PHE A 17 2.89 0.08 18.90
CA PHE A 17 3.01 1.52 18.72
C PHE A 17 2.65 1.92 17.30
N GLU A 18 2.03 3.08 17.17
CA GLU A 18 1.88 3.77 15.90
C GLU A 18 2.85 4.93 15.89
N GLU A 19 3.44 5.22 14.73
CA GLU A 19 4.32 6.36 14.58
C GLU A 19 3.86 7.20 13.40
N TRP A 20 3.67 8.49 13.64
CA TRP A 20 3.30 9.46 12.61
C TRP A 20 4.49 10.35 12.31
N PHE A 21 4.86 10.42 11.03
CA PHE A 21 5.98 11.24 10.58
C PHE A 21 5.47 12.20 9.52
N ASP A 22 5.55 13.48 9.82
CA ASP A 22 5.45 14.51 8.80
C ASP A 22 6.87 14.95 8.47
N HIS A 23 7.00 16.02 7.67
CA HIS A 23 8.34 16.45 7.29
C HIS A 23 9.16 16.92 8.48
N PRO A 24 8.70 17.87 9.31
CA PRO A 24 9.50 18.24 10.49
C PRO A 24 9.10 17.55 11.79
N LEU A 25 7.85 17.10 11.90
CA LEU A 25 7.30 16.66 13.19
C LEU A 25 7.15 15.15 13.28
N TYR A 26 6.84 14.71 14.50
CA TYR A 26 6.77 13.30 14.86
C TYR A 26 5.83 13.11 16.05
N LEU A 27 5.03 12.04 16.00
CA LEU A 27 4.10 11.69 17.07
C LEU A 27 4.13 10.19 17.29
N LYS A 28 4.22 9.79 18.56
CA LYS A 28 4.15 8.39 18.97
C LYS A 28 2.83 8.13 19.67
N VAL A 29 2.22 6.99 19.38
CA VAL A 29 0.96 6.58 19.99
C VAL A 29 1.13 5.19 20.60
N TYR A 30 0.77 5.06 21.88
CA TYR A 30 0.97 3.84 22.64
C TYR A 30 -0.33 3.06 22.77
N HIS A 31 -0.24 1.74 22.55
CA HIS A 31 -1.40 0.85 22.63
C HIS A 31 -1.03 -0.37 23.47
N HIS A 32 -1.77 -0.59 24.57
CA HIS A 32 -1.55 -1.75 25.43
C HIS A 32 -2.81 -2.61 25.44
N ARG A 33 -2.63 -3.94 25.39
CA ARG A 33 -3.78 -4.85 25.42
C ARG A 33 -4.65 -4.61 26.64
N ASP A 34 -4.03 -4.47 27.81
CA ASP A 34 -4.76 -4.35 29.06
C ASP A 34 -5.56 -3.06 29.17
N ALA A 35 -5.36 -2.12 28.23
CA ALA A 35 -6.14 -0.88 28.23
C ALA A 35 -7.57 -1.13 27.76
N GLU A 36 -7.79 -2.20 26.99
CA GLU A 36 -9.11 -2.56 26.47
C GLU A 36 -9.70 -1.43 25.62
N GLU A 37 -8.84 -0.78 24.84
CA GLU A 37 -9.31 0.27 23.95
C GLU A 37 -10.41 -0.24 23.02
N ALA A 38 -10.27 -1.49 22.55
CA ALA A 38 -11.25 -2.05 21.62
C ALA A 38 -12.61 -2.21 22.26
N GLU A 39 -12.67 -2.70 23.50
CA GLU A 39 -13.95 -2.89 24.16
C GLU A 39 -14.60 -1.55 24.49
N ARG A 40 -13.83 -0.61 25.03
CA ARG A 40 -14.38 0.70 25.36
C ARG A 40 -14.85 1.43 24.12
N CYS A 41 -14.13 1.27 23.00
CA CYS A 41 -14.61 1.84 21.75
C CYS A 41 -15.93 1.20 21.33
N VAL A 42 -16.00 -0.13 21.40
CA VAL A 42 -17.23 -0.83 21.04
C VAL A 42 -18.37 -0.42 21.96
N ARG A 43 -18.10 -0.35 23.27
CA ARG A 43 -19.14 0.06 24.21
C ARG A 43 -19.67 1.45 23.88
N THR A 44 -18.78 2.38 23.55
CA THR A 44 -19.22 3.73 23.18
C THR A 44 -20.05 3.70 21.90
N ILE A 45 -19.62 2.92 20.92
CA ILE A 45 -20.37 2.84 19.65
C ILE A 45 -21.76 2.27 19.89
N LEU A 46 -21.86 1.20 20.67
CA LEU A 46 -23.16 0.59 20.94
C LEU A 46 -24.08 1.55 21.69
N ASP A 47 -23.55 2.27 22.67
CA ASP A 47 -24.37 3.19 23.45
C ASP A 47 -24.87 4.36 22.60
N LEU A 48 -24.00 4.94 21.78
CA LEU A 48 -24.37 6.14 21.04
C LEU A 48 -25.24 5.84 19.83
N THR A 49 -25.01 4.70 19.17
CA THR A 49 -25.82 4.33 18.01
C THR A 49 -27.13 3.68 18.40
N GLY A 50 -27.27 3.23 19.64
CA GLY A 50 -28.49 2.59 20.07
C GLY A 50 -28.66 1.16 19.62
N ILE A 51 -27.64 0.57 19.00
CA ILE A 51 -27.75 -0.80 18.52
C ILE A 51 -27.86 -1.75 19.71
N ASP A 52 -28.85 -2.62 19.68
CA ASP A 52 -29.07 -3.56 20.76
C ASP A 52 -28.51 -4.92 20.38
N PRO A 53 -27.45 -5.39 21.04
CA PRO A 53 -26.93 -6.73 20.72
C PRO A 53 -27.88 -7.86 21.10
N ALA A 54 -28.76 -7.65 22.08
CA ALA A 54 -29.68 -8.69 22.50
C ALA A 54 -30.75 -8.98 21.45
N TRP A 55 -31.03 -8.03 20.55
CA TRP A 55 -32.08 -8.21 19.56
C TRP A 55 -31.86 -9.46 18.71
N GLN A 56 -32.97 -10.14 18.39
CA GLN A 56 -32.97 -11.32 17.55
C GLN A 56 -33.85 -11.07 16.33
N PRO A 57 -33.38 -11.40 15.12
CA PRO A 57 -32.05 -11.94 14.78
C PRO A 57 -30.95 -10.91 15.00
N PRO A 58 -29.74 -11.34 15.32
CA PRO A 58 -28.70 -10.38 15.72
C PRO A 58 -28.29 -9.51 14.54
N HIS A 59 -28.11 -8.22 14.83
CA HIS A 59 -27.65 -7.30 13.80
C HIS A 59 -26.26 -7.70 13.30
N SER A 60 -25.93 -7.23 12.11
CA SER A 60 -24.69 -7.61 11.44
C SER A 60 -23.76 -6.40 11.41
N VAL A 61 -22.49 -6.64 11.76
CA VAL A 61 -21.47 -5.60 11.77
C VAL A 61 -20.35 -6.03 10.83
N LEU A 62 -19.89 -5.10 10.00
CA LEU A 62 -18.72 -5.30 9.15
C LEU A 62 -17.59 -4.44 9.70
N ASP A 63 -16.53 -5.08 10.19
CA ASP A 63 -15.33 -4.38 10.62
C ASP A 63 -14.39 -4.33 9.42
N ILE A 64 -14.41 -3.20 8.71
CA ILE A 64 -13.80 -3.10 7.39
C ILE A 64 -12.28 -3.04 7.47
N ALA A 65 -11.73 -3.03 8.69
CA ALA A 65 -10.29 -3.08 8.90
C ALA A 65 -9.99 -3.61 10.28
N CYS A 66 -10.19 -4.92 10.47
CA CYS A 66 -10.12 -5.52 11.80
C CYS A 66 -8.73 -5.40 12.41
N GLY A 67 -7.68 -5.35 11.59
CA GLY A 67 -6.35 -5.26 12.16
C GLY A 67 -6.04 -6.57 12.84
N ALA A 68 -5.56 -6.52 14.09
CA ALA A 68 -5.23 -7.75 14.80
C ALA A 68 -6.48 -8.56 15.15
N GLY A 69 -7.65 -7.93 15.16
CA GLY A 69 -8.88 -8.62 15.51
C GLY A 69 -9.39 -8.38 16.90
N ARG A 70 -9.10 -7.23 17.50
CA ARG A 70 -9.48 -6.95 18.87
C ARG A 70 -10.88 -6.33 18.96
N HIS A 71 -11.15 -5.30 18.14
CA HIS A 71 -12.45 -4.66 18.19
C HIS A 71 -13.52 -5.47 17.47
N ALA A 72 -13.17 -6.17 16.40
CA ALA A 72 -14.14 -7.05 15.75
C ALA A 72 -14.57 -8.16 16.68
N LEU A 73 -13.63 -8.70 17.46
CA LEU A 73 -13.97 -9.69 18.47
C LEU A 73 -14.80 -9.07 19.59
N SER A 74 -14.56 -7.80 19.92
CA SER A 74 -15.36 -7.14 20.94
C SER A 74 -16.81 -6.96 20.48
N PHE A 75 -17.01 -6.61 19.22
CA PHE A 75 -18.37 -6.61 18.65
C PHE A 75 -19.00 -7.99 18.76
N ALA A 76 -18.24 -9.03 18.39
CA ALA A 76 -18.79 -10.38 18.37
C ALA A 76 -19.11 -10.89 19.77
N ARG A 77 -18.40 -10.42 20.79
CA ARG A 77 -18.65 -10.92 22.15
C ARG A 77 -20.05 -10.56 22.63
N THR A 78 -20.58 -9.40 22.21
CA THR A 78 -21.90 -8.97 22.64
C THR A 78 -23.02 -9.77 22.00
N GLY A 79 -22.72 -10.62 21.02
CA GLY A 79 -23.73 -11.41 20.33
C GLY A 79 -24.04 -10.96 18.91
N LEU A 80 -23.42 -9.90 18.43
CA LEU A 80 -23.67 -9.43 17.07
C LEU A 80 -22.99 -10.35 16.05
N ARG A 81 -23.55 -10.37 14.84
CA ARG A 81 -23.02 -11.14 13.73
C ARG A 81 -21.93 -10.34 13.04
N VAL A 82 -20.67 -10.75 13.21
CA VAL A 82 -19.51 -9.93 12.86
C VAL A 82 -18.80 -10.56 11.68
N THR A 83 -18.53 -9.75 10.66
CA THR A 83 -17.66 -10.11 9.54
C THR A 83 -16.42 -9.21 9.61
N ALA A 84 -15.25 -9.82 9.65
CA ALA A 84 -13.99 -9.09 9.77
C ALA A 84 -13.27 -9.09 8.41
N ASN A 85 -12.84 -7.91 7.98
CA ASN A 85 -12.19 -7.72 6.70
C ASN A 85 -10.82 -7.09 6.89
N ASP A 86 -9.82 -7.63 6.23
CA ASP A 86 -8.48 -7.07 6.25
C ASP A 86 -7.69 -7.60 5.06
N LEU A 87 -6.77 -6.78 4.55
CA LEU A 87 -5.94 -7.20 3.43
C LEU A 87 -4.80 -8.12 3.83
N SER A 88 -4.32 -8.02 5.07
CA SER A 88 -3.22 -8.85 5.51
C SER A 88 -3.71 -10.24 5.87
N PRO A 89 -3.20 -11.31 5.25
CA PRO A 89 -3.57 -12.66 5.67
C PRO A 89 -3.11 -13.00 7.08
N TYR A 90 -1.96 -12.44 7.51
CA TYR A 90 -1.47 -12.69 8.85
C TYR A 90 -2.43 -12.13 9.90
N LEU A 91 -2.85 -10.88 9.72
CA LEU A 91 -3.76 -10.26 10.68
C LEU A 91 -5.11 -10.98 10.71
N LEU A 92 -5.57 -11.46 9.56
CA LEU A 92 -6.81 -12.24 9.54
C LEU A 92 -6.64 -13.57 10.27
N ASP A 93 -5.52 -14.26 10.02
CA ASP A 93 -5.29 -15.54 10.69
C ASP A 93 -5.12 -15.36 12.18
N GLN A 94 -4.61 -14.20 12.60
CA GLN A 94 -4.57 -13.89 14.02
C GLN A 94 -5.97 -13.78 14.59
N ALA A 95 -6.89 -13.15 13.87
CA ALA A 95 -8.25 -12.98 14.35
C ALA A 95 -9.02 -14.30 14.33
N ARG A 96 -8.70 -15.19 13.39
CA ARG A 96 -9.30 -16.53 13.44
C ARG A 96 -8.90 -17.27 14.71
N LYS A 97 -7.59 -17.27 15.02
CA LYS A 97 -7.10 -18.02 16.17
C LYS A 97 -7.73 -17.52 17.47
N GLN A 98 -7.79 -16.19 17.65
CA GLN A 98 -8.38 -15.64 18.86
C GLN A 98 -9.86 -15.98 18.97
N ALA A 99 -10.59 -15.86 17.87
CA ALA A 99 -12.01 -16.20 17.88
C ALA A 99 -12.20 -17.69 18.10
N LYS A 100 -11.37 -18.52 17.44
CA LYS A 100 -11.39 -19.96 17.68
C LYS A 100 -11.10 -20.28 19.14
N ALA A 101 -10.16 -19.54 19.75
CA ALA A 101 -9.78 -19.82 21.13
C ALA A 101 -10.83 -19.36 22.13
N GLU A 102 -11.69 -18.42 21.76
CA GLU A 102 -12.75 -17.94 22.64
C GLU A 102 -14.10 -18.56 22.29
N GLY A 103 -14.15 -19.52 21.37
CA GLY A 103 -15.41 -20.10 20.94
C GLY A 103 -16.37 -19.09 20.36
N ILE A 104 -15.85 -18.10 19.64
CA ILE A 104 -16.65 -17.04 19.04
C ILE A 104 -16.77 -17.28 17.55
N ASN A 105 -17.98 -17.12 17.01
CA ASN A 105 -18.23 -17.29 15.59
C ASN A 105 -18.03 -15.97 14.87
N MET A 106 -17.22 -16.00 13.81
CA MET A 106 -16.95 -14.80 13.02
C MET A 106 -16.75 -15.21 11.57
N GLU A 107 -17.14 -14.33 10.66
CA GLU A 107 -16.85 -14.49 9.25
C GLU A 107 -15.66 -13.60 8.90
N PHE A 108 -14.92 -14.01 7.87
CA PHE A 108 -13.68 -13.35 7.52
C PHE A 108 -13.66 -13.01 6.03
N SER A 109 -13.13 -11.84 5.72
CA SER A 109 -13.07 -11.33 4.35
C SER A 109 -11.69 -10.72 4.12
N ARG A 110 -11.21 -10.85 2.88
CA ARG A 110 -9.92 -10.29 2.48
C ARG A 110 -10.13 -9.48 1.20
N GLN A 111 -10.74 -8.31 1.34
CA GLN A 111 -11.13 -7.47 0.20
C GLN A 111 -10.60 -6.05 0.36
N ASP A 112 -10.22 -5.45 -0.76
CA ASP A 112 -9.87 -4.03 -0.79
C ASP A 112 -11.13 -3.18 -0.66
N MET A 113 -11.03 -2.10 0.10
CA MET A 113 -12.22 -1.27 0.37
C MET A 113 -12.73 -0.55 -0.87
N ARG A 114 -11.91 -0.40 -1.92
CA ARG A 114 -12.36 0.27 -3.13
C ARG A 114 -13.28 -0.59 -3.98
N THR A 115 -13.18 -1.92 -3.85
CA THR A 115 -13.98 -2.84 -4.66
C THR A 115 -14.65 -3.89 -3.80
N ILE A 116 -14.76 -3.65 -2.49
CA ILE A 116 -15.33 -4.66 -1.60
C ILE A 116 -16.80 -4.88 -1.95
N ARG A 117 -17.18 -6.14 -2.09
CA ARG A 117 -18.54 -6.51 -2.43
C ARG A 117 -19.02 -7.60 -1.49
N PHE A 118 -20.32 -7.58 -1.20
CA PHE A 118 -20.96 -8.64 -0.45
C PHE A 118 -22.34 -8.91 -1.05
N GLU A 119 -22.83 -10.11 -0.75
CA GLU A 119 -24.18 -10.52 -1.11
C GLU A 119 -25.23 -10.02 -0.12
N ARG A 120 -24.83 -9.74 1.11
CA ARG A 120 -25.72 -9.28 2.16
C ARG A 120 -25.41 -7.81 2.45
N ARG A 121 -26.21 -7.23 3.35
CA ARG A 121 -25.97 -5.88 3.82
C ARG A 121 -25.81 -5.91 5.34
N PHE A 122 -25.49 -4.75 5.91
CA PHE A 122 -25.10 -4.65 7.30
C PHE A 122 -25.86 -3.51 7.98
N ASP A 123 -25.97 -3.64 9.31
CA ASP A 123 -26.56 -2.58 10.12
C ASP A 123 -25.52 -1.60 10.64
N LEU A 124 -24.29 -2.07 10.85
CA LEU A 124 -23.20 -1.20 11.28
C LEU A 124 -21.93 -1.58 10.52
N ILE A 125 -21.24 -0.56 10.02
CA ILE A 125 -19.93 -0.74 9.39
C ILE A 125 -18.94 0.13 10.15
N ALA A 126 -17.88 -0.49 10.67
CA ALA A 126 -16.94 0.18 11.56
C ALA A 126 -15.56 0.22 10.91
N GLN A 127 -15.00 1.42 10.80
CA GLN A 127 -13.63 1.65 10.34
C GLN A 127 -12.89 2.37 11.46
N LEU A 128 -12.17 1.61 12.27
CA LEU A 128 -11.65 2.09 13.55
C LEU A 128 -10.13 2.17 13.52
N PHE A 129 -9.60 3.00 14.44
CA PHE A 129 -8.17 3.10 14.71
C PHE A 129 -7.37 3.55 13.49
N SER A 130 -7.83 4.65 12.88
CA SER A 130 -7.09 5.37 11.86
C SER A 130 -6.70 4.47 10.68
N SER A 131 -7.71 3.80 10.12
CA SER A 131 -7.50 2.92 8.97
C SER A 131 -8.05 3.52 7.67
N PHE A 132 -8.32 4.82 7.66
CA PHE A 132 -8.93 5.48 6.52
C PHE A 132 -7.95 6.45 5.88
N GLY A 133 -8.05 6.58 4.56
CA GLY A 133 -7.24 7.54 3.83
C GLY A 133 -5.89 7.02 3.37
N TYR A 134 -5.78 5.74 3.03
CA TYR A 134 -4.50 5.15 2.66
C TYR A 134 -4.20 5.27 1.17
N PHE A 135 -5.10 5.83 0.37
CA PHE A 135 -5.03 5.67 -1.07
C PHE A 135 -4.26 6.81 -1.73
N GLU A 136 -4.08 6.69 -3.05
CA GLU A 136 -3.26 7.64 -3.80
C GLU A 136 -3.93 9.02 -3.89
N THR A 137 -5.23 9.03 -4.18
CA THR A 137 -5.98 10.26 -4.44
C THR A 137 -7.16 10.38 -3.50
N ASP A 138 -7.69 11.61 -3.40
CA ASP A 138 -8.88 11.85 -2.60
C ASP A 138 -10.11 11.18 -3.21
N GLN A 139 -10.14 11.05 -4.54
CA GLN A 139 -11.29 10.42 -5.19
C GLN A 139 -11.51 9.00 -4.71
N GLU A 140 -10.42 8.29 -4.40
CA GLU A 140 -10.57 6.91 -3.94
C GLU A 140 -11.22 6.82 -2.58
N ASP A 141 -11.08 7.87 -1.76
CA ASP A 141 -11.76 7.88 -0.47
C ASP A 141 -13.26 8.13 -0.62
N ARG A 142 -13.64 8.98 -1.58
CA ARG A 142 -15.06 9.17 -1.87
C ARG A 142 -15.68 7.90 -2.44
N ASP A 143 -14.91 7.15 -3.23
CA ASP A 143 -15.40 5.87 -3.74
C ASP A 143 -15.67 4.90 -2.60
N VAL A 144 -14.72 4.79 -1.65
CA VAL A 144 -14.91 3.90 -0.51
C VAL A 144 -16.14 4.29 0.29
N ILE A 145 -16.34 5.60 0.53
CA ILE A 145 -17.51 6.06 1.26
C ILE A 145 -18.79 5.61 0.56
N ALA A 146 -18.86 5.85 -0.76
CA ALA A 146 -20.01 5.41 -1.54
C ALA A 146 -20.18 3.89 -1.48
N ASN A 147 -19.06 3.16 -1.46
CA ASN A 147 -19.12 1.71 -1.33
C ASN A 147 -19.75 1.31 0.00
N ILE A 148 -19.29 1.92 1.08
CA ILE A 148 -19.81 1.60 2.41
C ILE A 148 -21.30 1.93 2.50
N ALA A 149 -21.73 3.01 1.85
CA ALA A 149 -23.14 3.39 1.88
C ALA A 149 -24.01 2.33 1.19
N SER A 150 -23.50 1.73 0.11
CA SER A 150 -24.25 0.74 -0.63
C SER A 150 -24.30 -0.62 0.08
N LEU A 151 -23.47 -0.84 1.09
CA LEU A 151 -23.48 -2.09 1.83
C LEU A 151 -24.34 -2.03 3.09
N LEU A 152 -24.98 -0.91 3.38
CA LEU A 152 -25.74 -0.72 4.60
C LEU A 152 -27.22 -0.97 4.38
N ASN A 153 -27.86 -1.59 5.37
CA ASN A 153 -29.32 -1.63 5.43
C ASN A 153 -29.87 -0.22 5.59
N PRO A 154 -31.16 -0.02 5.33
CA PRO A 154 -31.77 1.30 5.59
C PRO A 154 -31.57 1.71 7.04
N GLY A 155 -31.21 2.97 7.22
CA GLY A 155 -30.89 3.47 8.55
C GLY A 155 -29.62 2.93 9.15
N GLY A 156 -28.75 2.33 8.33
CA GLY A 156 -27.53 1.75 8.86
C GLY A 156 -26.54 2.79 9.31
N TRP A 157 -25.59 2.33 10.13
CA TRP A 157 -24.61 3.20 10.77
C TRP A 157 -23.22 2.99 10.17
N TYR A 158 -22.46 4.09 10.06
CA TYR A 158 -21.07 4.06 9.67
C TYR A 158 -20.26 4.85 10.69
N VAL A 159 -19.30 4.18 11.33
CA VAL A 159 -18.46 4.79 12.37
C VAL A 159 -17.06 4.94 11.80
N LEU A 160 -16.55 6.17 11.80
CA LEU A 160 -15.24 6.50 11.23
C LEU A 160 -14.37 7.09 12.32
N ASP A 161 -13.27 6.42 12.64
CA ASP A 161 -12.38 6.80 13.73
C ASP A 161 -11.10 7.38 13.12
N LEU A 162 -11.03 8.71 13.09
CA LEU A 162 -9.89 9.42 12.53
C LEU A 162 -9.12 10.13 13.64
N ILE A 163 -7.82 10.36 13.40
CA ILE A 163 -7.03 11.14 14.33
C ILE A 163 -7.46 12.60 14.25
N ASN A 164 -7.42 13.29 15.38
CA ASN A 164 -7.68 14.72 15.39
C ASN A 164 -6.39 15.45 15.02
N PRO A 165 -6.36 16.18 13.91
CA PRO A 165 -5.08 16.71 13.39
C PRO A 165 -4.31 17.60 14.36
N VAL A 166 -4.97 18.29 15.30
CA VAL A 166 -4.27 19.12 16.27
C VAL A 166 -3.20 18.34 17.01
N GLN A 167 -3.43 17.05 17.23
CA GLN A 167 -2.50 16.20 17.99
C GLN A 167 -1.23 15.87 17.22
N LEU A 168 -1.04 16.40 16.02
CA LEU A 168 0.19 16.17 15.27
C LEU A 168 1.13 17.36 15.29
N LYS A 169 0.74 18.45 15.94
CA LYS A 169 1.60 19.65 16.01
C LYS A 169 2.20 19.82 17.40
N ARG A 194 -0.92 17.60 3.26
CA ARG A 194 -2.14 16.91 3.68
C ARG A 194 -1.95 15.41 3.91
N HIS A 195 -0.72 14.92 3.73
CA HIS A 195 -0.45 13.50 3.86
C HIS A 195 0.67 13.28 4.87
N VAL A 196 0.40 12.46 5.87
CA VAL A 196 1.37 12.05 6.87
C VAL A 196 1.58 10.55 6.72
N THR A 197 2.76 10.09 7.13
CA THR A 197 3.09 8.68 7.05
C THR A 197 2.86 8.04 8.42
N LYS A 198 2.16 6.91 8.43
CA LYS A 198 1.87 6.17 9.65
C LYS A 198 2.59 4.83 9.57
N LYS A 199 3.40 4.52 10.58
CA LYS A 199 4.25 3.35 10.58
C LYS A 199 3.92 2.45 11.76
N ILE A 200 3.66 1.18 11.48
CA ILE A 200 3.47 0.15 12.49
C ILE A 200 4.37 -1.03 12.12
N THR A 201 4.95 -1.67 13.13
CA THR A 201 5.81 -2.84 12.94
C THR A 201 5.45 -3.88 13.97
N LEU A 202 5.09 -5.08 13.52
CA LEU A 202 4.74 -6.19 14.40
C LEU A 202 5.77 -7.30 14.30
N HIS A 203 5.87 -8.10 15.36
CA HIS A 203 6.81 -9.21 15.44
C HIS A 203 6.08 -10.44 15.95
N GLU A 204 6.25 -11.56 15.26
CA GLU A 204 5.73 -12.83 15.77
C GLU A 204 6.56 -13.31 16.95
N ALA A 205 6.13 -14.41 17.55
CA ALA A 205 6.86 -15.00 18.66
C ALA A 205 8.29 -15.36 18.26
N ASN A 206 8.45 -16.01 17.11
CA ASN A 206 9.78 -16.39 16.64
C ASN A 206 10.64 -15.19 16.27
N GLY A 207 10.02 -14.04 16.00
CA GLY A 207 10.74 -12.83 15.62
C GLY A 207 10.44 -12.33 14.22
N ARG A 208 9.65 -13.05 13.43
CA ARG A 208 9.33 -12.62 12.08
C ARG A 208 8.67 -11.24 12.10
N LYS A 209 9.10 -10.39 11.19
CA LYS A 209 8.69 -8.98 11.16
C LYS A 209 7.54 -8.77 10.17
N HIS A 210 6.62 -7.89 10.55
CA HIS A 210 5.51 -7.46 9.71
C HIS A 210 5.45 -5.94 9.71
N SER A 211 5.58 -5.34 8.53
CA SER A 211 5.66 -3.89 8.39
C SER A 211 4.36 -3.36 7.81
N PHE A 212 3.78 -2.34 8.45
CA PHE A 212 2.55 -1.70 7.99
C PHE A 212 2.79 -0.19 7.98
N THR A 213 3.25 0.34 6.85
CA THR A 213 3.50 1.76 6.69
C THR A 213 2.57 2.29 5.60
N GLU A 214 1.91 3.41 5.87
CA GLU A 214 0.91 3.94 4.95
C GLU A 214 1.06 5.44 4.83
N SER A 215 0.54 5.98 3.74
CA SER A 215 0.23 7.40 3.65
C SER A 215 -1.19 7.61 4.16
N VAL A 216 -1.41 8.70 4.88
CA VAL A 216 -2.70 8.97 5.50
C VAL A 216 -3.12 10.37 5.08
N ARG A 217 -4.22 10.46 4.33
CA ARG A 217 -4.81 11.75 4.03
C ARG A 217 -5.46 12.27 5.31
N ILE A 218 -5.02 13.44 5.76
CA ILE A 218 -5.45 14.00 7.04
C ILE A 218 -6.60 14.96 6.77
N TYR A 219 -7.75 14.68 7.36
CA TYR A 219 -8.97 15.45 7.12
C TYR A 219 -9.27 16.32 8.33
N SER A 220 -9.53 17.60 8.07
CA SER A 220 -10.06 18.48 9.10
C SER A 220 -11.48 18.02 9.45
N PRO A 221 -12.03 18.48 10.59
CA PRO A 221 -13.42 18.13 10.88
C PRO A 221 -14.39 18.57 9.79
N ALA A 222 -14.21 19.76 9.24
CA ALA A 222 -15.06 20.21 8.13
C ALA A 222 -14.99 19.22 6.97
N GLU A 223 -13.77 18.82 6.58
CA GLU A 223 -13.61 17.89 5.47
C GLU A 223 -14.25 16.54 5.77
N ALA A 224 -14.09 16.04 7.00
CA ALA A 224 -14.67 14.75 7.36
C ALA A 224 -16.20 14.82 7.32
N PHE A 225 -16.78 15.94 7.74
CA PHE A 225 -18.21 16.13 7.61
C PHE A 225 -18.63 16.20 6.15
N SER A 226 -17.94 17.03 5.36
CA SER A 226 -18.26 17.14 3.94
C SER A 226 -18.17 15.80 3.24
N LEU A 227 -17.22 14.96 3.66
CA LEU A 227 -17.05 13.66 3.02
C LEU A 227 -18.28 12.78 3.25
N LEU A 228 -18.75 12.72 4.49
CA LEU A 228 -19.90 11.87 4.81
C LEU A 228 -21.22 12.50 4.37
N GLU A 229 -21.38 13.81 4.60
CA GLU A 229 -22.65 14.47 4.27
C GLU A 229 -22.95 14.39 2.79
N SER A 230 -21.93 14.43 1.94
CA SER A 230 -22.10 14.30 0.51
C SER A 230 -21.87 12.86 0.04
N GLY A 231 -21.75 11.92 0.96
CA GLY A 231 -21.71 10.50 0.65
C GLY A 231 -22.99 9.75 0.91
N GLY A 232 -24.05 10.44 1.32
CA GLY A 232 -25.31 9.80 1.64
C GLY A 232 -25.60 9.65 3.12
N PHE A 233 -24.78 10.25 3.98
CA PHE A 233 -24.86 10.06 5.42
C PHE A 233 -25.24 11.35 6.12
N ALA A 234 -25.81 11.20 7.32
CA ALA A 234 -26.04 12.30 8.25
C ALA A 234 -25.24 12.02 9.52
N VAL A 235 -24.38 12.94 9.90
CA VAL A 235 -23.57 12.77 11.10
C VAL A 235 -24.45 12.99 12.32
N GLU A 236 -24.38 12.07 13.27
CA GLU A 236 -25.22 12.12 14.45
C GLU A 236 -24.49 12.61 15.69
N ARG A 237 -23.28 12.12 15.95
CA ARG A 237 -22.41 12.70 16.96
C ARG A 237 -20.97 12.66 16.48
N VAL A 238 -20.14 13.47 17.13
CA VAL A 238 -18.70 13.33 17.07
C VAL A 238 -18.19 13.26 18.51
N VAL A 239 -17.20 12.40 18.75
CA VAL A 239 -16.63 12.23 20.07
C VAL A 239 -15.11 12.32 19.96
N GLY A 240 -14.49 12.73 21.05
CA GLY A 240 -13.06 13.00 21.07
C GLY A 240 -12.22 11.85 21.58
N ASP A 241 -12.86 10.81 22.12
CA ASP A 241 -12.12 9.66 22.65
C ASP A 241 -13.06 8.45 22.67
N TYR A 242 -12.48 7.31 23.03
CA TYR A 242 -13.23 6.06 23.04
C TYR A 242 -14.18 5.94 24.23
N GLU A 243 -14.18 6.92 25.12
CA GLU A 243 -15.15 6.97 26.21
C GLU A 243 -16.36 7.82 25.88
N GLY A 244 -16.35 8.51 24.73
CA GLY A 244 -17.50 9.29 24.31
C GLY A 244 -17.45 10.77 24.63
N SER A 245 -16.32 11.28 25.13
CA SER A 245 -16.16 12.69 25.45
C SER A 245 -16.47 13.56 24.23
N PRO A 246 -17.03 14.75 24.41
CA PRO A 246 -17.34 15.61 23.26
C PRO A 246 -16.07 15.98 22.49
N PHE A 247 -16.23 16.09 21.18
CA PHE A 247 -15.11 16.44 20.30
C PHE A 247 -14.85 17.94 20.35
N ASP A 248 -13.64 18.32 20.72
CA ASP A 248 -13.17 19.69 20.63
C ASP A 248 -12.00 19.72 19.66
N GLU A 249 -12.15 20.47 18.57
CA GLU A 249 -11.13 20.47 17.52
C GLU A 249 -9.74 20.77 18.06
N ALA A 250 -9.66 21.68 19.04
CA ALA A 250 -8.38 22.16 19.55
C ALA A 250 -7.76 21.25 20.61
N THR A 251 -8.50 20.29 21.17
CA THR A 251 -8.00 19.51 22.31
C THR A 251 -8.19 18.01 22.18
N SER A 252 -9.15 17.52 21.40
CA SER A 252 -9.47 16.10 21.42
C SER A 252 -8.35 15.27 20.77
N PRO A 253 -8.06 14.07 21.30
CA PRO A 253 -7.10 13.18 20.65
C PRO A 253 -7.68 12.46 19.43
N ARG A 254 -8.96 12.11 19.50
CA ARG A 254 -9.66 11.37 18.46
C ARG A 254 -10.73 12.24 17.83
N MET A 255 -11.13 11.87 16.61
CA MET A 255 -12.29 12.45 15.92
C MET A 255 -13.08 11.28 15.36
N MET A 256 -13.95 10.70 16.20
CA MET A 256 -14.75 9.55 15.80
C MET A 256 -16.14 10.04 15.41
N LEU A 257 -16.46 9.93 14.13
CA LEU A 257 -17.75 10.34 13.60
C LEU A 257 -18.68 9.14 13.53
N LEU A 258 -19.89 9.30 14.06
CA LEU A 258 -20.92 8.27 14.01
C LEU A 258 -22.05 8.80 13.13
N ALA A 259 -22.21 8.20 11.95
CA ALA A 259 -23.12 8.70 10.94
C ALA A 259 -24.15 7.64 10.60
N ARG A 260 -25.28 8.10 10.10
CA ARG A 260 -26.42 7.25 9.80
C ARG A 260 -26.89 7.50 8.38
N LEU A 261 -27.28 6.44 7.69
CA LEU A 261 -27.66 6.52 6.30
C LEU A 261 -28.95 7.32 6.15
N LEU A 262 -28.93 8.29 5.24
CA LEU A 262 -30.13 9.08 4.94
C LEU A 262 -31.21 8.19 4.32
N VAL A 263 -32.46 8.64 4.46
CA VAL A 263 -33.59 7.86 3.96
C VAL A 263 -33.73 8.06 2.46
N SER A 264 -34.23 7.02 1.80
CA SER A 264 -34.41 7.01 0.35
C SER A 264 -35.79 6.49 0.02
N ARG A 265 -36.51 7.23 -0.81
CA ARG A 265 -37.84 6.79 -1.24
C ARG A 265 -37.73 5.91 -2.48
N ARG B 14 7.27 17.37 -14.79
CA ARG B 14 8.18 16.41 -15.40
C ARG B 14 9.24 15.93 -14.40
N GLU B 15 9.61 16.80 -13.47
CA GLU B 15 10.60 16.45 -12.45
C GLU B 15 9.91 16.01 -11.17
N TRP B 16 10.40 14.90 -10.63
CA TRP B 16 9.94 14.36 -9.38
C TRP B 16 11.11 14.04 -8.48
N PHE B 17 10.84 14.01 -7.18
CA PHE B 17 11.84 13.68 -6.18
C PHE B 17 11.26 12.61 -5.26
N GLU B 18 12.12 11.68 -4.84
CA GLU B 18 11.79 10.71 -3.81
C GLU B 18 12.51 11.05 -2.52
N GLU B 19 11.89 10.67 -1.40
CA GLU B 19 12.45 10.91 -0.07
C GLU B 19 12.60 9.58 0.66
N TRP B 20 13.80 9.29 1.14
CA TRP B 20 14.06 8.13 1.98
C TRP B 20 14.33 8.64 3.38
N PHE B 21 13.47 8.26 4.33
CA PHE B 21 13.63 8.68 5.72
C PHE B 21 13.46 7.50 6.65
N ASP B 22 14.48 7.23 7.46
CA ASP B 22 14.36 6.40 8.64
C ASP B 22 14.21 7.33 9.84
N HIS B 23 14.28 6.78 11.04
CA HIS B 23 14.10 7.60 12.24
C HIS B 23 15.17 8.68 12.37
N PRO B 24 16.48 8.37 12.27
CA PRO B 24 17.47 9.46 12.37
C PRO B 24 17.82 10.08 11.03
N LEU B 25 17.57 9.37 9.93
CA LEU B 25 18.07 9.78 8.64
C LEU B 25 16.95 10.37 7.79
N TYR B 26 17.35 11.12 6.77
CA TYR B 26 16.42 11.74 5.83
C TYR B 26 17.24 12.00 4.57
N LEU B 27 16.70 11.63 3.41
CA LEU B 27 17.44 11.78 2.17
C LEU B 27 16.51 12.21 1.04
N LYS B 28 16.94 13.20 0.27
CA LYS B 28 16.22 13.62 -0.93
C LYS B 28 17.00 13.17 -2.15
N VAL B 29 16.30 12.66 -3.15
CA VAL B 29 16.90 12.26 -4.42
C VAL B 29 16.13 12.97 -5.53
N TYR B 30 16.84 13.74 -6.34
CA TYR B 30 16.23 14.59 -7.36
C TYR B 30 16.41 13.97 -8.73
N HIS B 31 15.36 14.08 -9.55
CA HIS B 31 15.37 13.56 -10.91
C HIS B 31 15.03 14.71 -11.85
N HIS B 32 15.97 15.03 -12.74
CA HIS B 32 15.85 16.13 -13.67
C HIS B 32 15.85 15.61 -15.11
N ARG B 33 15.08 16.28 -15.96
CA ARG B 33 15.01 15.91 -17.38
C ARG B 33 16.39 15.80 -17.99
N ASP B 34 17.29 16.73 -17.65
CA ASP B 34 18.61 16.78 -18.28
C ASP B 34 19.47 15.57 -17.97
N ALA B 35 19.12 14.76 -16.96
CA ALA B 35 19.91 13.57 -16.68
C ALA B 35 19.63 12.42 -17.64
N GLU B 36 18.39 12.33 -18.15
CA GLU B 36 18.00 11.24 -19.05
C GLU B 36 18.31 9.89 -18.42
N GLU B 37 18.06 9.79 -17.11
CA GLU B 37 18.34 8.56 -16.38
C GLU B 37 17.67 7.36 -17.01
N ALA B 38 16.43 7.52 -17.46
CA ALA B 38 15.69 6.38 -18.02
C ALA B 38 16.34 5.88 -19.30
N GLU B 39 16.76 6.80 -20.16
CA GLU B 39 17.35 6.39 -21.43
C GLU B 39 18.70 5.70 -21.22
N ARG B 40 19.56 6.28 -20.38
CA ARG B 40 20.87 5.70 -20.13
C ARG B 40 20.74 4.35 -19.42
N CYS B 41 19.79 4.22 -18.49
CA CYS B 41 19.56 2.94 -17.83
C CYS B 41 19.16 1.87 -18.83
N VAL B 42 18.21 2.19 -19.71
CA VAL B 42 17.76 1.22 -20.70
C VAL B 42 18.90 0.85 -21.64
N ARG B 43 19.67 1.84 -22.08
CA ARG B 43 20.82 1.58 -22.94
C ARG B 43 21.81 0.65 -22.27
N THR B 44 22.07 0.88 -20.97
CA THR B 44 22.98 0.01 -20.23
C THR B 44 22.45 -1.42 -20.17
N ILE B 45 21.14 -1.57 -19.93
CA ILE B 45 20.54 -2.90 -19.87
C ILE B 45 20.69 -3.63 -21.20
N LEU B 46 20.44 -2.92 -22.31
CA LEU B 46 20.56 -3.53 -23.62
C LEU B 46 21.99 -3.98 -23.90
N ASP B 47 22.98 -3.15 -23.54
CA ASP B 47 24.37 -3.49 -23.81
C ASP B 47 24.83 -4.71 -23.01
N LEU B 48 24.44 -4.79 -21.74
CA LEU B 48 24.94 -5.86 -20.87
C LEU B 48 24.24 -7.17 -21.11
N THR B 49 22.95 -7.14 -21.46
CA THR B 49 22.21 -8.37 -21.74
C THR B 49 22.37 -8.85 -23.17
N GLY B 50 22.80 -7.98 -24.08
CA GLY B 50 22.96 -8.36 -25.47
C GLY B 50 21.67 -8.42 -26.27
N ILE B 51 20.54 -8.03 -25.69
CA ILE B 51 19.26 -8.08 -26.38
C ILE B 51 19.27 -7.10 -27.55
N ASP B 52 18.90 -7.59 -28.74
CA ASP B 52 18.88 -6.77 -29.93
C ASP B 52 17.46 -6.30 -30.21
N PRO B 53 17.18 -4.99 -30.09
CA PRO B 53 15.83 -4.52 -30.43
C PRO B 53 15.51 -4.62 -31.92
N ALA B 54 16.52 -4.59 -32.78
CA ALA B 54 16.28 -4.69 -34.23
C ALA B 54 15.82 -6.08 -34.64
N TRP B 55 16.07 -7.09 -33.81
CA TRP B 55 15.75 -8.47 -34.15
C TRP B 55 14.28 -8.62 -34.53
N GLN B 56 14.01 -9.49 -35.50
CA GLN B 56 12.64 -9.74 -35.95
C GLN B 56 12.28 -11.20 -35.73
N PRO B 57 11.11 -11.50 -35.13
CA PRO B 57 10.14 -10.58 -34.52
C PRO B 57 10.70 -9.94 -33.26
N PRO B 58 10.25 -8.74 -32.89
CA PRO B 58 10.90 -8.03 -31.79
C PRO B 58 10.67 -8.72 -30.45
N HIS B 59 11.74 -8.78 -29.66
CA HIS B 59 11.68 -9.35 -28.33
C HIS B 59 10.72 -8.55 -27.44
N SER B 60 10.27 -9.19 -26.36
CA SER B 60 9.26 -8.63 -25.48
C SER B 60 9.88 -8.21 -24.15
N VAL B 61 9.50 -7.03 -23.67
CA VAL B 61 9.97 -6.48 -22.41
C VAL B 61 8.77 -6.21 -21.52
N LEU B 62 8.84 -6.64 -20.26
CA LEU B 62 7.85 -6.30 -19.25
C LEU B 62 8.49 -5.33 -18.26
N ASP B 63 7.99 -4.10 -18.24
CA ASP B 63 8.41 -3.09 -17.25
C ASP B 63 7.43 -3.22 -16.08
N ILE B 64 7.81 -3.98 -15.07
CA ILE B 64 6.90 -4.43 -14.03
C ILE B 64 6.54 -3.30 -13.06
N ALA B 65 7.12 -2.12 -13.26
CA ALA B 65 6.79 -0.95 -12.45
C ALA B 65 7.19 0.33 -13.17
N CYS B 66 6.41 0.73 -14.18
CA CYS B 66 6.82 1.86 -15.02
C CYS B 66 6.91 3.15 -14.20
N GLY B 67 6.01 3.33 -13.24
CA GLY B 67 6.06 4.46 -12.31
C GLY B 67 6.00 5.82 -12.98
N ALA B 68 6.74 6.76 -12.40
CA ALA B 68 6.85 8.13 -12.92
C ALA B 68 7.88 8.27 -14.03
N GLY B 69 8.84 7.36 -14.10
CA GLY B 69 9.91 7.49 -15.08
C GLY B 69 9.49 7.03 -16.47
N ARG B 70 10.18 7.59 -17.47
CA ARG B 70 9.90 7.31 -18.87
C ARG B 70 10.73 6.15 -19.42
N HIS B 71 11.11 5.19 -18.57
CA HIS B 71 11.94 4.08 -19.06
C HIS B 71 11.15 3.08 -19.87
N ALA B 72 9.86 2.90 -19.56
CA ALA B 72 9.03 2.04 -20.38
C ALA B 72 8.92 2.58 -21.81
N LEU B 73 8.82 3.90 -21.95
CA LEU B 73 8.84 4.52 -23.27
C LEU B 73 10.20 4.37 -23.93
N SER B 74 11.28 4.41 -23.15
CA SER B 74 12.62 4.25 -23.71
C SER B 74 12.81 2.85 -24.27
N PHE B 75 12.31 1.83 -23.56
CA PHE B 75 12.29 0.48 -24.12
C PHE B 75 11.50 0.45 -25.42
N ALA B 76 10.32 1.07 -25.42
CA ALA B 76 9.43 1.00 -26.59
C ALA B 76 10.02 1.74 -27.79
N ARG B 77 10.81 2.78 -27.56
CA ARG B 77 11.39 3.53 -28.67
C ARG B 77 12.34 2.68 -29.50
N THR B 78 13.06 1.75 -28.86
CA THR B 78 14.04 0.93 -29.58
C THR B 78 13.41 -0.11 -30.48
N GLY B 79 12.10 -0.31 -30.39
CA GLY B 79 11.42 -1.30 -31.20
C GLY B 79 11.01 -2.55 -30.46
N LEU B 80 11.33 -2.67 -29.17
CA LEU B 80 10.93 -3.83 -28.41
C LEU B 80 9.43 -3.81 -28.13
N ARG B 81 8.86 -5.00 -27.96
CA ARG B 81 7.44 -5.13 -27.64
C ARG B 81 7.31 -4.99 -26.13
N VAL B 82 6.76 -3.86 -25.68
CA VAL B 82 6.83 -3.43 -24.28
C VAL B 82 5.45 -3.54 -23.64
N THR B 83 5.39 -4.21 -22.49
CA THR B 83 4.23 -4.20 -21.62
C THR B 83 4.60 -3.49 -20.32
N ALA B 84 3.84 -2.45 -19.98
CA ALA B 84 4.08 -1.65 -18.78
C ALA B 84 3.05 -2.00 -17.73
N ASN B 85 3.51 -2.27 -16.51
CA ASN B 85 2.64 -2.67 -15.41
C ASN B 85 2.81 -1.70 -14.25
N ASP B 86 1.69 -1.27 -13.69
CA ASP B 86 1.70 -0.42 -12.50
C ASP B 86 0.35 -0.53 -11.82
N LEU B 87 0.35 -0.38 -10.50
CA LEU B 87 -0.89 -0.43 -9.75
C LEU B 87 -1.67 0.87 -9.86
N SER B 88 -0.98 1.99 -10.09
CA SER B 88 -1.63 3.28 -10.19
C SER B 88 -2.23 3.47 -11.58
N PRO B 89 -3.54 3.70 -11.69
CA PRO B 89 -4.11 4.01 -13.02
C PRO B 89 -3.57 5.31 -13.59
N TYR B 90 -3.26 6.29 -12.75
CA TYR B 90 -2.73 7.55 -13.24
C TYR B 90 -1.37 7.35 -13.90
N LEU B 91 -0.48 6.61 -13.24
CA LEU B 91 0.84 6.37 -13.80
C LEU B 91 0.76 5.56 -15.09
N LEU B 92 -0.21 4.65 -15.19
CA LEU B 92 -0.43 3.94 -16.44
C LEU B 92 -0.89 4.87 -17.54
N ASP B 93 -1.80 5.79 -17.21
CA ASP B 93 -2.30 6.73 -18.21
C ASP B 93 -1.20 7.67 -18.69
N GLN B 94 -0.21 7.95 -17.85
CA GLN B 94 0.95 8.74 -18.29
C GLN B 94 1.71 8.01 -19.39
N ALA B 95 1.89 6.69 -19.24
CA ALA B 95 2.60 5.92 -20.25
C ALA B 95 1.76 5.76 -21.51
N ARG B 96 0.43 5.74 -21.36
CA ARG B 96 -0.46 5.75 -22.52
C ARG B 96 -0.28 7.02 -23.33
N LYS B 97 -0.29 8.18 -22.65
CA LYS B 97 -0.14 9.46 -23.32
C LYS B 97 1.17 9.55 -24.09
N GLN B 98 2.27 9.11 -23.47
CA GLN B 98 3.58 9.19 -24.11
C GLN B 98 3.61 8.34 -25.38
N ALA B 99 3.14 7.10 -25.30
CA ALA B 99 3.15 6.23 -26.47
C ALA B 99 2.17 6.68 -27.53
N LYS B 100 0.97 7.10 -27.12
CA LYS B 100 -0.02 7.59 -28.07
C LYS B 100 0.51 8.78 -28.86
N ALA B 101 1.26 9.67 -28.21
CA ALA B 101 1.75 10.87 -28.87
C ALA B 101 2.91 10.59 -29.82
N GLU B 102 3.64 9.49 -29.62
CA GLU B 102 4.75 9.12 -30.50
C GLU B 102 4.38 8.03 -31.49
N GLY B 103 3.11 7.65 -31.57
CA GLY B 103 2.70 6.57 -32.44
C GLY B 103 3.35 5.25 -32.12
N ILE B 104 3.58 4.98 -30.83
CA ILE B 104 4.22 3.75 -30.39
C ILE B 104 3.15 2.84 -29.80
N ASN B 105 3.24 1.54 -30.12
CA ASN B 105 2.31 0.56 -29.59
C ASN B 105 2.85 -0.02 -28.29
N MET B 106 2.02 -0.02 -27.25
CA MET B 106 2.37 -0.57 -25.96
C MET B 106 1.16 -1.25 -25.35
N GLU B 107 1.40 -2.30 -24.59
CA GLU B 107 0.36 -2.93 -23.78
C GLU B 107 0.50 -2.50 -22.33
N PHE B 108 -0.61 -2.48 -21.62
CA PHE B 108 -0.65 -1.93 -20.27
C PHE B 108 -1.34 -2.91 -19.33
N SER B 109 -0.80 -3.03 -18.12
CA SER B 109 -1.26 -3.97 -17.12
C SER B 109 -1.34 -3.29 -15.77
N ARG B 110 -2.32 -3.69 -14.96
CA ARG B 110 -2.52 -3.16 -13.61
C ARG B 110 -2.65 -4.36 -12.66
N GLN B 111 -1.53 -5.01 -12.39
CA GLN B 111 -1.53 -6.23 -11.60
C GLN B 111 -0.54 -6.13 -10.45
N ASP B 112 -0.90 -6.76 -9.34
CA ASP B 112 0.02 -6.91 -8.21
C ASP B 112 1.12 -7.90 -8.59
N MET B 113 2.35 -7.59 -8.19
CA MET B 113 3.47 -8.46 -8.53
C MET B 113 3.39 -9.80 -7.82
N ARG B 114 2.60 -9.90 -6.75
CA ARG B 114 2.49 -11.17 -6.05
C ARG B 114 1.64 -12.17 -6.83
N THR B 115 0.74 -11.71 -7.69
CA THR B 115 -0.15 -12.59 -8.43
C THR B 115 -0.19 -12.25 -9.92
N ILE B 116 0.80 -11.50 -10.42
CA ILE B 116 0.77 -11.06 -11.82
C ILE B 116 0.86 -12.26 -12.74
N ARG B 117 -0.05 -12.32 -13.70
CA ARG B 117 -0.14 -13.42 -14.66
C ARG B 117 -0.30 -12.86 -16.06
N PHE B 118 0.23 -13.59 -17.04
CA PHE B 118 0.04 -13.25 -18.43
C PHE B 118 -0.18 -14.53 -19.24
N GLU B 119 -0.74 -14.37 -20.43
CA GLU B 119 -0.89 -15.49 -21.36
C GLU B 119 0.40 -15.78 -22.12
N ARG B 120 1.28 -14.79 -22.23
CA ARG B 120 2.54 -14.90 -22.92
C ARG B 120 3.67 -14.88 -21.90
N ARG B 121 4.89 -15.03 -22.41
CA ARG B 121 6.11 -14.92 -21.61
C ARG B 121 6.95 -13.78 -22.17
N PHE B 122 8.07 -13.50 -21.50
CA PHE B 122 8.86 -12.33 -21.82
C PHE B 122 10.34 -12.69 -21.92
N ASP B 123 11.08 -11.88 -22.67
CA ASP B 123 12.53 -12.03 -22.78
C ASP B 123 13.28 -11.21 -21.75
N LEU B 124 12.74 -10.07 -21.34
CA LEU B 124 13.34 -9.24 -20.31
C LEU B 124 12.25 -8.72 -19.39
N ILE B 125 12.50 -8.82 -18.09
CA ILE B 125 11.63 -8.24 -17.07
C ILE B 125 12.47 -7.27 -16.27
N ALA B 126 12.03 -6.01 -16.19
CA ALA B 126 12.80 -4.94 -15.57
C ALA B 126 12.03 -4.37 -14.39
N GLN B 127 12.68 -4.35 -13.23
CA GLN B 127 12.14 -3.74 -12.02
C GLN B 127 13.11 -2.64 -11.63
N LEU B 128 12.82 -1.41 -12.03
CA LEU B 128 13.77 -0.31 -11.98
C LEU B 128 13.38 0.75 -10.96
N PHE B 129 14.38 1.52 -10.54
CA PHE B 129 14.19 2.71 -9.70
C PHE B 129 13.51 2.38 -8.38
N SER B 130 14.09 1.43 -7.65
CA SER B 130 13.72 1.14 -6.27
C SER B 130 12.23 0.84 -6.13
N SER B 131 11.76 -0.11 -6.94
CA SER B 131 10.37 -0.55 -6.91
C SER B 131 10.20 -1.92 -6.28
N PHE B 132 11.21 -2.41 -5.57
CA PHE B 132 11.20 -3.74 -4.98
C PHE B 132 11.20 -3.64 -3.46
N GLY B 133 10.52 -4.59 -2.82
CA GLY B 133 10.53 -4.68 -1.38
C GLY B 133 9.47 -3.88 -0.65
N TYR B 134 8.28 -3.74 -1.25
CA TYR B 134 7.22 -2.91 -0.69
C TYR B 134 6.28 -3.68 0.24
N PHE B 135 6.46 -4.97 0.41
CA PHE B 135 5.41 -5.80 0.98
C PHE B 135 5.56 -5.94 2.49
N GLU B 136 4.59 -6.65 3.09
CA GLU B 136 4.51 -6.75 4.55
C GLU B 136 5.63 -7.62 5.12
N THR B 137 5.92 -8.76 4.48
CA THR B 137 6.90 -9.71 4.96
C THR B 137 7.96 -9.95 3.91
N ASP B 138 9.10 -10.49 4.36
CA ASP B 138 10.18 -10.86 3.44
C ASP B 138 9.76 -12.01 2.53
N GLN B 139 8.89 -12.89 3.02
CA GLN B 139 8.43 -14.02 2.21
C GLN B 139 7.74 -13.57 0.92
N GLU B 140 7.04 -12.43 0.95
CA GLU B 140 6.36 -11.96 -0.24
C GLU B 140 7.32 -11.49 -1.31
N ASP B 141 8.53 -11.08 -0.93
CA ASP B 141 9.52 -10.72 -1.94
C ASP B 141 10.02 -11.96 -2.66
N ARG B 142 10.16 -13.07 -1.94
CA ARG B 142 10.49 -14.34 -2.58
C ARG B 142 9.35 -14.81 -3.49
N ASP B 143 8.11 -14.54 -3.10
CA ASP B 143 6.97 -14.88 -3.94
C ASP B 143 7.03 -14.14 -5.27
N VAL B 144 7.27 -12.83 -5.22
CA VAL B 144 7.38 -12.04 -6.43
C VAL B 144 8.50 -12.57 -7.32
N ILE B 145 9.65 -12.92 -6.72
CA ILE B 145 10.77 -13.45 -7.49
C ILE B 145 10.36 -14.71 -8.23
N ALA B 146 9.72 -15.65 -7.52
CA ALA B 146 9.25 -16.88 -8.15
C ALA B 146 8.24 -16.57 -9.25
N ASN B 147 7.39 -15.56 -9.04
CA ASN B 147 6.45 -15.15 -10.06
C ASN B 147 7.18 -14.62 -11.29
N ILE B 148 8.17 -13.75 -11.07
CA ILE B 148 8.94 -13.19 -12.18
C ILE B 148 9.66 -14.28 -12.94
N ALA B 149 10.12 -15.32 -12.23
CA ALA B 149 10.81 -16.42 -12.89
C ALA B 149 9.87 -17.18 -13.82
N SER B 150 8.61 -17.35 -13.43
CA SER B 150 7.67 -18.11 -14.24
C SER B 150 7.16 -17.34 -15.45
N LEU B 151 7.39 -16.04 -15.51
CA LEU B 151 6.93 -15.24 -16.64
C LEU B 151 7.98 -15.09 -17.74
N LEU B 152 9.16 -15.67 -17.56
CA LEU B 152 10.27 -15.48 -18.48
C LEU B 152 10.35 -16.62 -19.49
N ASN B 153 10.69 -16.27 -20.73
CA ASN B 153 11.11 -17.26 -21.70
C ASN B 153 12.40 -17.94 -21.21
N PRO B 154 12.74 -19.11 -21.77
CA PRO B 154 14.02 -19.73 -21.44
C PRO B 154 15.18 -18.80 -21.72
N GLY B 155 16.12 -18.73 -20.77
CA GLY B 155 17.23 -17.82 -20.89
C GLY B 155 16.87 -16.35 -20.78
N GLY B 156 15.69 -16.05 -20.24
CA GLY B 156 15.27 -14.65 -20.12
C GLY B 156 16.04 -13.91 -19.04
N TRP B 157 15.97 -12.59 -19.11
CA TRP B 157 16.71 -11.70 -18.22
C TRP B 157 15.78 -11.04 -17.22
N TYR B 158 16.29 -10.85 -16.00
CA TYR B 158 15.61 -10.09 -14.95
C TYR B 158 16.58 -9.05 -14.44
N VAL B 159 16.20 -7.77 -14.54
CA VAL B 159 17.05 -6.66 -14.09
C VAL B 159 16.40 -6.05 -12.86
N LEU B 160 17.14 -6.01 -11.76
CA LEU B 160 16.64 -5.51 -10.48
C LEU B 160 17.50 -4.34 -10.06
N ASP B 161 16.89 -3.16 -9.95
CA ASP B 161 17.59 -1.91 -9.65
C ASP B 161 17.27 -1.53 -8.20
N LEU B 162 18.20 -1.84 -7.30
CA LEU B 162 18.05 -1.56 -5.89
C LEU B 162 19.01 -0.47 -5.45
N ILE B 163 18.62 0.25 -4.39
CA ILE B 163 19.52 1.23 -3.81
C ILE B 163 20.68 0.50 -3.11
N ASN B 164 21.84 1.12 -3.14
CA ASN B 164 22.98 0.58 -2.41
C ASN B 164 22.84 0.99 -0.94
N PRO B 165 22.71 0.03 -0.01
CA PRO B 165 22.37 0.39 1.38
C PRO B 165 23.33 1.38 2.01
N VAL B 166 24.59 1.42 1.54
CA VAL B 166 25.54 2.40 2.05
C VAL B 166 25.01 3.81 1.93
N GLN B 167 24.22 4.08 0.88
CA GLN B 167 23.72 5.44 0.68
C GLN B 167 22.62 5.82 1.67
N LEU B 168 22.19 4.90 2.53
CA LEU B 168 21.19 5.19 3.56
C LEU B 168 21.78 5.17 4.97
N LYS B 169 23.07 4.95 5.12
CA LYS B 169 23.69 4.81 6.43
C LYS B 169 24.50 6.05 6.81
N ARG B 194 15.56 -2.88 9.10
CA ARG B 194 15.74 -3.50 7.80
C ARG B 194 14.84 -2.83 6.78
N HIS B 195 14.07 -1.85 7.25
CA HIS B 195 13.04 -1.19 6.45
C HIS B 195 13.20 0.32 6.49
N VAL B 196 13.23 0.95 5.32
CA VAL B 196 13.22 2.40 5.19
C VAL B 196 11.92 2.80 4.51
N THR B 197 11.49 4.04 4.75
CA THR B 197 10.26 4.56 4.15
C THR B 197 10.59 5.44 2.97
N LYS B 198 9.93 5.20 1.85
CA LYS B 198 10.15 5.95 0.61
C LYS B 198 8.88 6.71 0.26
N LYS B 199 9.00 8.02 0.07
CA LYS B 199 7.86 8.90 -0.18
C LYS B 199 8.04 9.62 -1.53
N ILE B 200 7.04 9.54 -2.38
CA ILE B 200 6.98 10.30 -3.63
C ILE B 200 5.64 11.01 -3.71
N THR B 201 5.65 12.23 -4.24
CA THR B 201 4.43 13.01 -4.42
C THR B 201 4.45 13.67 -5.79
N LEU B 202 3.43 13.39 -6.59
CA LEU B 202 3.28 13.97 -7.92
C LEU B 202 2.05 14.86 -7.98
N HIS B 203 2.09 15.81 -8.92
CA HIS B 203 1.00 16.75 -9.13
C HIS B 203 0.71 16.86 -10.62
N GLU B 204 -0.57 16.74 -10.98
CA GLU B 204 -0.99 17.01 -12.35
C GLU B 204 -0.96 18.52 -12.62
N ALA B 205 -1.23 18.87 -13.88
CA ALA B 205 -1.30 20.28 -14.26
C ALA B 205 -2.37 21.00 -13.45
N ASN B 206 -3.56 20.40 -13.33
CA ASN B 206 -4.66 21.02 -12.61
C ASN B 206 -4.40 21.13 -11.11
N GLY B 207 -3.49 20.34 -10.56
CA GLY B 207 -3.16 20.41 -9.15
C GLY B 207 -3.47 19.17 -8.34
N ARG B 208 -4.12 18.16 -8.93
CA ARG B 208 -4.45 16.94 -8.18
C ARG B 208 -3.18 16.30 -7.63
N LYS B 209 -3.27 15.83 -6.39
CA LYS B 209 -2.13 15.26 -5.70
C LYS B 209 -2.14 13.74 -5.82
N HIS B 210 -0.96 13.16 -6.01
CA HIS B 210 -0.79 11.71 -6.05
C HIS B 210 0.35 11.33 -5.12
N SER B 211 0.04 10.56 -4.09
CA SER B 211 1.01 10.18 -3.07
C SER B 211 1.36 8.70 -3.20
N PHE B 212 2.65 8.40 -3.22
CA PHE B 212 3.16 7.03 -3.31
C PHE B 212 4.20 6.86 -2.20
N THR B 213 3.74 6.40 -1.03
CA THR B 213 4.62 6.16 0.11
C THR B 213 4.59 4.68 0.44
N GLU B 214 5.76 4.08 0.61
CA GLU B 214 5.87 2.66 0.84
C GLU B 214 6.91 2.39 1.92
N SER B 215 6.83 1.20 2.49
CA SER B 215 7.94 0.63 3.25
C SER B 215 8.85 -0.12 2.27
N VAL B 216 10.16 -0.04 2.51
CA VAL B 216 11.13 -0.63 1.60
C VAL B 216 12.05 -1.54 2.42
N ARG B 217 11.99 -2.84 2.13
CA ARG B 217 12.93 -3.79 2.71
C ARG B 217 14.30 -3.61 2.06
N ILE B 218 15.31 -3.31 2.87
CA ILE B 218 16.64 -2.97 2.37
C ILE B 218 17.51 -4.21 2.45
N TYR B 219 18.04 -4.64 1.30
CA TYR B 219 18.81 -5.86 1.19
C TYR B 219 20.29 -5.54 1.00
N SER B 220 21.14 -6.18 1.78
CA SER B 220 22.57 -6.12 1.54
C SER B 220 22.91 -6.82 0.22
N PRO B 221 24.10 -6.59 -0.33
CA PRO B 221 24.47 -7.32 -1.56
C PRO B 221 24.40 -8.82 -1.42
N ALA B 222 24.87 -9.37 -0.30
CA ALA B 222 24.75 -10.80 -0.05
C ALA B 222 23.29 -11.24 -0.10
N GLU B 223 22.41 -10.52 0.60
CA GLU B 223 21.00 -10.88 0.62
C GLU B 223 20.38 -10.82 -0.76
N ALA B 224 20.72 -9.78 -1.54
CA ALA B 224 20.16 -9.65 -2.88
C ALA B 224 20.59 -10.80 -3.77
N PHE B 225 21.83 -11.26 -3.62
CA PHE B 225 22.28 -12.44 -4.36
C PHE B 225 21.51 -13.68 -3.93
N SER B 226 21.44 -13.92 -2.61
CA SER B 226 20.71 -15.08 -2.11
C SER B 226 19.25 -15.06 -2.51
N LEU B 227 18.65 -13.86 -2.60
CA LEU B 227 17.25 -13.76 -2.98
C LEU B 227 17.02 -14.25 -4.41
N LEU B 228 17.86 -13.81 -5.34
CA LEU B 228 17.71 -14.22 -6.73
C LEU B 228 18.22 -15.64 -6.95
N GLU B 229 19.35 -16.00 -6.32
CA GLU B 229 19.93 -17.32 -6.51
C GLU B 229 18.97 -18.42 -6.08
N SER B 230 18.13 -18.17 -5.09
CA SER B 230 17.14 -19.15 -4.65
C SER B 230 15.80 -18.95 -5.32
N GLY B 231 15.72 -18.08 -6.33
CA GLY B 231 14.56 -17.95 -7.17
C GLY B 231 14.71 -18.59 -8.53
N GLY B 232 15.83 -19.24 -8.80
CA GLY B 232 16.09 -19.83 -10.08
C GLY B 232 17.02 -19.04 -10.98
N PHE B 233 17.67 -18.01 -10.45
CA PHE B 233 18.46 -17.08 -11.25
C PHE B 233 19.95 -17.22 -10.94
N ALA B 234 20.76 -16.84 -11.91
CA ALA B 234 22.20 -16.66 -11.72
C ALA B 234 22.55 -15.22 -12.05
N VAL B 235 23.18 -14.52 -11.11
CA VAL B 235 23.57 -13.14 -11.34
C VAL B 235 24.77 -13.11 -12.27
N GLU B 236 24.71 -12.28 -13.30
CA GLU B 236 25.76 -12.20 -14.31
C GLU B 236 26.67 -10.99 -14.13
N ARG B 237 26.09 -9.81 -13.92
CA ARG B 237 26.85 -8.64 -13.51
C ARG B 237 26.03 -7.82 -12.53
N VAL B 238 26.75 -6.96 -11.80
CA VAL B 238 26.15 -5.89 -11.02
C VAL B 238 26.84 -4.59 -11.41
N VAL B 239 26.06 -3.52 -11.50
CA VAL B 239 26.58 -2.21 -11.86
C VAL B 239 26.11 -1.19 -10.84
N GLY B 240 26.89 -0.13 -10.67
CA GLY B 240 26.63 0.83 -9.61
C GLY B 240 25.85 2.06 -10.01
N ASP B 241 25.62 2.26 -11.31
CA ASP B 241 24.87 3.42 -11.76
C ASP B 241 24.29 3.11 -13.13
N TYR B 242 23.48 4.05 -13.62
CA TYR B 242 22.76 3.88 -14.89
C TYR B 242 23.68 4.04 -16.10
N GLU B 243 24.95 4.35 -15.90
CA GLU B 243 25.92 4.39 -16.99
C GLU B 243 26.69 3.08 -17.13
N GLY B 244 26.49 2.14 -16.21
CA GLY B 244 27.12 0.83 -16.30
C GLY B 244 28.40 0.67 -15.51
N SER B 245 28.79 1.67 -14.72
CA SER B 245 29.99 1.55 -13.90
C SER B 245 29.90 0.34 -12.99
N PRO B 246 31.03 -0.32 -12.72
CA PRO B 246 31.00 -1.48 -11.82
C PRO B 246 30.54 -1.06 -10.43
N PHE B 247 29.84 -1.99 -9.77
CA PHE B 247 29.29 -1.71 -8.45
C PHE B 247 30.40 -1.73 -7.40
N ASP B 248 30.55 -0.61 -6.71
CA ASP B 248 31.42 -0.51 -5.54
C ASP B 248 30.56 -0.21 -4.33
N GLU B 249 30.52 -1.15 -3.38
CA GLU B 249 29.62 -1.04 -2.24
C GLU B 249 29.82 0.26 -1.48
N ALA B 250 31.06 0.72 -1.38
CA ALA B 250 31.32 1.88 -0.55
C ALA B 250 31.05 3.20 -1.27
N THR B 251 30.87 3.18 -2.59
CA THR B 251 30.73 4.41 -3.36
C THR B 251 29.56 4.44 -4.33
N SER B 252 29.06 3.29 -4.78
CA SER B 252 28.05 3.29 -5.83
C SER B 252 26.72 3.80 -5.28
N PRO B 253 25.98 4.59 -6.06
CA PRO B 253 24.63 5.00 -5.62
C PRO B 253 23.60 3.89 -5.77
N ARG B 254 23.71 3.10 -6.84
CA ARG B 254 22.75 2.07 -7.13
C ARG B 254 23.39 0.70 -7.06
N MET B 255 22.55 -0.33 -6.91
CA MET B 255 22.97 -1.73 -6.98
C MET B 255 22.01 -2.46 -7.92
N MET B 256 22.31 -2.42 -9.22
CA MET B 256 21.46 -3.02 -10.24
C MET B 256 22.03 -4.39 -10.61
N LEU B 257 21.28 -5.44 -10.29
CA LEU B 257 21.67 -6.81 -10.59
C LEU B 257 21.01 -7.24 -11.89
N LEU B 258 21.80 -7.84 -12.78
CA LEU B 258 21.31 -8.38 -14.05
C LEU B 258 21.47 -9.90 -14.00
N ALA B 259 20.35 -10.61 -13.96
CA ALA B 259 20.34 -12.05 -13.76
C ALA B 259 19.62 -12.76 -14.91
N ARG B 260 19.98 -14.03 -15.09
CA ARG B 260 19.43 -14.88 -16.14
C ARG B 260 18.88 -16.16 -15.54
N LEU B 261 17.71 -16.58 -16.01
CA LEU B 261 17.07 -17.76 -15.46
C LEU B 261 17.80 -19.03 -15.91
N LEU B 262 18.26 -19.82 -14.94
CA LEU B 262 18.81 -21.13 -15.27
C LEU B 262 17.68 -22.10 -15.60
N VAL B 263 17.99 -23.11 -16.41
CA VAL B 263 17.01 -24.09 -16.82
C VAL B 263 16.88 -25.17 -15.75
C1 B3P C . 1.33 0.41 0.63
C2 B3P C . 2.02 -0.02 1.91
C3 B3P C . 0.91 1.88 0.62
N1 B3P C . 1.31 2.49 -0.63
C4 B3P C . 0.42 3.44 -1.27
C5 B3P C . 0.11 4.57 -0.28
C6 B3P C . -0.84 2.75 -1.75
C7 B3P C . 1.02 4.08 -2.54
N2 B3P C . 1.41 -1.23 2.42
C8 B3P C . 2.15 -2.07 3.35
C9 B3P C . 1.18 -2.70 4.34
C10 B3P C . 3.28 -1.29 4.06
C11 B3P C . 2.83 -3.24 2.62
O1 B3P C . -0.04 -1.99 4.40
O2 B3P C . 4.27 -2.11 4.61
O3 B3P C . 2.13 -3.41 1.40
O4 B3P C . 0.45 5.81 -0.84
O5 B3P C . -1.98 3.21 -1.07
O6 B3P C . 1.67 3.10 -3.32
CAC FLC D . -2.50 -0.99 7.81
CA FLC D . -3.19 -0.81 9.15
CB FLC D . -4.69 -1.14 9.22
CBC FLC D . -4.96 -2.64 9.10
CG FLC D . -5.29 -0.63 10.55
CGC FLC D . -4.44 -0.90 11.77
OA1 FLC D . -3.00 -1.94 7.07
OA2 FLC D . -1.54 -0.33 7.48
OB1 FLC D . -5.88 -2.93 8.22
OB2 FLC D . -4.36 -3.47 9.77
OG1 FLC D . -4.76 -1.99 12.43
OG2 FLC D . -3.58 -0.13 12.14
OHB FLC D . -5.36 -0.47 8.16
CAC FLC E . 4.63 3.18 -6.17
CA FLC E . 5.79 3.84 -6.88
CB FLC E . 6.61 2.88 -7.74
CBC FLC E . 5.78 2.49 -8.96
CG FLC E . 7.95 3.51 -8.12
CGC FLC E . 7.92 4.90 -8.68
OA1 FLC E . 4.96 2.67 -5.01
OA2 FLC E . 3.51 3.12 -6.64
OB1 FLC E . 5.09 3.49 -9.45
OB2 FLC E . 5.76 1.37 -9.42
OG1 FLC E . 8.02 4.93 -9.99
OG2 FLC E . 7.81 5.90 -8.01
OHB FLC E . 6.88 1.69 -6.99
#